data_7ZRZ
#
_entry.id   7ZRZ
#
_cell.length_a   1.00
_cell.length_b   1.00
_cell.length_c   1.00
_cell.angle_alpha   90.00
_cell.angle_beta   90.00
_cell.angle_gamma   90.00
#
_symmetry.space_group_name_H-M   'P 1'
#
loop_
_entity.id
_entity.type
_entity.pdbx_description
1 polymer 'tRNA-splicing endonuclease subunit Sen34'
2 polymer 'tRNA-splicing endonuclease subunit Sen2'
3 polymer 'tRNA-splicing endonuclease subunit Sen54'
4 polymer 'tRNA-splicing endonuclease subunit Sen15'
5 polymer 'pre-tRNA Arg TCT 3-2'
#
loop_
_entity_poly.entity_id
_entity_poly.type
_entity_poly.pdbx_seq_one_letter_code
_entity_poly.pdbx_strand_id
1 'polypeptide(L)'
;MLVVEVANGRSLVWGAEAVQALRERLGVGGRTVGALPRGPRQNSRLGLPLLLMPEEARLLAEIGAVTLVSAPRPDSRHHS
LALTSFKRQQEESFQEQSALAAEARETRRQELLEKITEGQGGSGGSGGSGGSRSALLVQLATARPRPVKARPLDWRVQSK
DWPHAGRPAHELRYSIYRDLWERGFFLSAAGKFGGDFLVYPGDPLRFFAHYIAQCWAPEDTIPLQDLVAAGRLGTSVRKT
LLLCSPQPDGKVVYTSLQWASLQ
;
AP1
2 'polypeptide(L)'
;MAEAVFHAPKRKRRVYETYESPLPIPFGQDHGPLKEFKIFRAEMINNNVIVRNAEDIEQLYGKGYFGKGILSRSRPSFTI
SGGSGGRIFEYLQLSLEEAFFLVYALGCLSIYYEKEPLTIVKLWKAFTVVQPTFRTTYMAYHYFRSKGWVPKVGLKYGTD
LLLYRKGPPFYFASYSVIIELVDDHFEGSLRRPLSWKSLAALSRVSVNVSKELMLCYLIKPSTMTDKEMESPECMKRIKV
QEVILSRWVSSRERSDQDDL
;
BP4
3 'polypeptide(L)'
;MEPEPEPAAVEVPAGRVLSARELFAARSRSQKLPQRSHGPKDFLPDGSAAQAERLRRCREELWQLLAEQRVERLGSLVAA
EWRPEEGFVELKSPAGKFWQTMGFSEQGRQRLHPEEALYLLECGSIHLFHQDLPLSIQEAYQLLLTDHTVTFLQYQVFSH
LKRLGYVVRRFQPSSVLSGGSGGSGGSGGSGSVLQTTHLPDGGARLLEKSGGLEIIFDVYQADAVATFRKNNPGKPYARM
CISGFDEPVPDLCSLKRLSYQSGDVPLIFALVDHGDISFYSFRDFTLPQDVGH
;
CP1
4 'polypeptide(L)'
;MDEKTTGWRGGHVVEGLAGELEQLRARLEHHPQGQREPGENLYFQGMEERGDSEPTPGCSGLGPGGVRGFGDGGGAPSWA
PEDAWMGTHPKYLEMMELDIGDATQVYVAFLVYLDLMESKSWHEVNCVGLPELQLICLVGTEIEGEGLQTVVPTPITASL
SHNRIREILKASRKLQGDPDLPMSFTLAIVESDSTIVYYKLTDGFMLPDPQNISLRR
;
DP1
5 'polyribonucleotide'
;GGCUCUGUGGCGCAAUGGAUAGCGCAUUGGACUUCUAGAUAGUUAGAGAAAUUCAAAGGUUGUGGGUUCGAGUCCCACCA
GAGUCGCCA
;
ZN1
#
loop_
_chem_comp.id
_chem_comp.type
_chem_comp.name
_chem_comp.formula
A RNA linking ADENOSINE-5'-MONOPHOSPHATE 'C10 H14 N5 O7 P'
C RNA linking CYTIDINE-5'-MONOPHOSPHATE 'C9 H14 N3 O8 P'
G RNA linking GUANOSINE-5'-MONOPHOSPHATE 'C10 H14 N5 O8 P'
U RNA linking URIDINE-5'-MONOPHOSPHATE 'C9 H13 N2 O9 P'
#
# COMPACT_ATOMS: atom_id res chain seq x y z
N MET A 1 -23.68 -23.71 -1.42
CA MET A 1 -23.41 -22.46 -2.11
C MET A 1 -23.70 -21.27 -1.21
N LEU A 2 -22.64 -20.67 -0.69
CA LEU A 2 -22.76 -19.50 0.17
C LEU A 2 -23.11 -18.27 -0.66
N VAL A 3 -23.60 -17.23 0.03
CA VAL A 3 -24.11 -16.02 -0.61
C VAL A 3 -23.15 -14.87 -0.33
N VAL A 4 -22.88 -14.08 -1.37
CA VAL A 4 -22.06 -12.89 -1.29
C VAL A 4 -22.87 -11.72 -1.84
N GLU A 5 -22.91 -10.62 -1.09
CA GLU A 5 -23.67 -9.44 -1.48
C GLU A 5 -22.74 -8.45 -2.17
N VAL A 6 -22.86 -8.35 -3.49
CA VAL A 6 -22.07 -7.43 -4.29
C VAL A 6 -22.96 -6.27 -4.72
N ALA A 7 -22.47 -5.05 -4.50
CA ALA A 7 -23.23 -3.84 -4.83
C ALA A 7 -22.28 -2.66 -4.78
N ASN A 8 -22.34 -1.81 -5.81
CA ASN A 8 -21.51 -0.61 -5.91
C ASN A 8 -20.01 -0.96 -5.91
N GLY A 9 -19.67 -2.15 -6.40
CA GLY A 9 -18.28 -2.53 -6.54
C GLY A 9 -17.61 -3.04 -5.29
N ARG A 10 -18.37 -3.40 -4.25
CA ARG A 10 -17.82 -3.94 -3.02
C ARG A 10 -18.50 -5.27 -2.71
N SER A 11 -17.72 -6.21 -2.17
CA SER A 11 -18.22 -7.53 -1.81
C SER A 11 -18.05 -7.72 -0.31
N LEU A 12 -19.16 -7.97 0.39
CA LEU A 12 -19.16 -8.12 1.83
C LEU A 12 -19.84 -9.42 2.22
N VAL A 13 -19.30 -10.08 3.23
CA VAL A 13 -19.85 -11.32 3.77
C VAL A 13 -20.31 -11.06 5.18
N TRP A 14 -21.58 -11.36 5.47
CA TRP A 14 -22.20 -11.01 6.74
C TRP A 14 -22.39 -12.19 7.68
N GLY A 15 -22.56 -13.39 7.15
CA GLY A 15 -22.73 -14.55 8.03
C GLY A 15 -21.43 -14.93 8.70
N ALA A 16 -21.54 -15.34 9.97
CA ALA A 16 -20.35 -15.72 10.73
C ALA A 16 -19.90 -17.14 10.47
N GLU A 17 -20.74 -17.97 9.86
CA GLU A 17 -20.37 -19.35 9.55
C GLU A 17 -19.93 -19.54 8.10
N ALA A 18 -20.28 -18.61 7.21
CA ALA A 18 -19.74 -18.66 5.85
C ALA A 18 -18.31 -18.18 5.79
N VAL A 19 -17.91 -17.30 6.71
CA VAL A 19 -16.52 -16.85 6.77
C VAL A 19 -15.61 -18.00 7.19
N GLN A 20 -16.05 -18.80 8.16
CA GLN A 20 -15.24 -19.93 8.62
C GLN A 20 -15.03 -20.95 7.52
N ALA A 21 -16.08 -21.23 6.73
CA ALA A 21 -15.95 -22.20 5.65
C ALA A 21 -15.09 -21.69 4.50
N LEU A 22 -14.93 -20.38 4.38
CA LEU A 22 -14.06 -19.85 3.34
C LEU A 22 -12.59 -20.03 3.69
N ARG A 23 -12.22 -19.84 4.96
CA ARG A 23 -10.82 -19.88 5.35
C ARG A 23 -10.27 -21.31 5.38
N GLU A 24 -11.03 -22.25 5.91
CA GLU A 24 -10.55 -23.61 6.06
C GLU A 24 -10.63 -24.45 4.79
N ARG A 25 -11.65 -24.23 3.97
CA ARG A 25 -11.89 -25.12 2.83
C ARG A 25 -11.24 -24.62 1.54
N LEU A 26 -11.34 -23.32 1.25
CA LEU A 26 -10.83 -22.78 0.00
C LEU A 26 -9.58 -21.94 0.17
N GLY A 27 -9.11 -21.73 1.40
CA GLY A 27 -7.87 -20.99 1.61
C GLY A 27 -7.90 -19.56 1.12
N VAL A 28 -9.01 -18.86 1.36
CA VAL A 28 -9.15 -17.45 1.01
C VAL A 28 -9.43 -16.67 2.29
N GLY A 29 -8.62 -15.65 2.54
CA GLY A 29 -8.79 -14.79 3.69
C GLY A 29 -9.53 -13.52 3.36
N GLY A 30 -9.30 -12.50 4.16
CA GLY A 30 -9.94 -11.22 3.94
C GLY A 30 -9.73 -10.30 5.13
N ARG A 31 -10.15 -9.06 4.94
CA ARG A 31 -9.99 -8.02 5.96
C ARG A 31 -11.35 -7.66 6.53
N THR A 32 -11.44 -7.64 7.86
CA THR A 32 -12.65 -7.20 8.54
C THR A 32 -12.71 -5.68 8.59
N VAL A 33 -13.88 -5.12 8.30
CA VAL A 33 -14.07 -3.68 8.22
C VAL A 33 -15.07 -3.15 9.22
N GLY A 34 -15.78 -4.01 9.95
CA GLY A 34 -16.79 -3.56 10.89
C GLY A 34 -16.18 -3.11 12.20
N ALA A 35 -17.03 -2.98 13.20
CA ALA A 35 -16.62 -2.59 14.55
C ALA A 35 -17.04 -3.66 15.54
N LEU A 36 -16.15 -3.98 16.47
CA LEU A 36 -16.47 -5.01 17.47
C LEU A 36 -17.63 -4.55 18.33
N PRO A 37 -18.65 -5.38 18.53
CA PRO A 37 -19.71 -5.01 19.47
C PRO A 37 -19.23 -4.81 20.89
N ARG A 38 -18.21 -5.57 21.31
CA ARG A 38 -17.72 -5.46 22.69
C ARG A 38 -16.88 -4.21 22.89
N GLY A 39 -16.01 -3.89 21.92
CA GLY A 39 -15.02 -2.86 22.11
C GLY A 39 -15.03 -1.75 21.08
N PRO A 40 -16.22 -1.20 20.74
CA PRO A 40 -16.28 -0.29 19.60
C PRO A 40 -15.71 1.09 19.88
N ARG A 41 -14.50 1.14 20.44
CA ARG A 41 -13.77 2.39 20.62
C ARG A 41 -12.30 2.23 20.30
N GLN A 42 -11.93 1.16 19.59
CA GLN A 42 -10.54 0.85 19.28
C GLN A 42 -10.42 0.64 17.77
N ASN A 43 -9.16 0.59 17.30
CA ASN A 43 -8.89 0.38 15.89
C ASN A 43 -7.97 -0.82 15.67
N SER A 44 -7.85 -1.71 16.64
CA SER A 44 -6.94 -2.85 16.54
C SER A 44 -7.65 -4.10 16.02
N ARG A 45 -8.71 -4.53 16.71
CA ARG A 45 -9.47 -5.70 16.32
C ARG A 45 -10.88 -5.28 15.90
N LEU A 46 -11.29 -5.71 14.71
CA LEU A 46 -12.57 -5.35 14.12
C LEU A 46 -13.42 -6.59 13.90
N GLY A 47 -14.64 -6.38 13.43
CA GLY A 47 -15.58 -7.47 13.25
C GLY A 47 -16.22 -7.53 11.87
N LEU A 48 -17.35 -8.22 11.77
CA LEU A 48 -18.04 -8.36 10.50
C LEU A 48 -18.59 -7.02 10.04
N PRO A 49 -18.76 -6.81 8.72
CA PRO A 49 -18.55 -7.73 7.59
C PRO A 49 -17.09 -7.91 7.17
N LEU A 50 -16.85 -8.86 6.29
CA LEU A 50 -15.53 -9.15 5.75
C LEU A 50 -15.46 -8.67 4.31
N LEU A 51 -14.40 -7.93 3.98
CA LEU A 51 -14.25 -7.35 2.66
C LEU A 51 -13.44 -8.28 1.77
N LEU A 52 -13.96 -8.57 0.58
CA LEU A 52 -13.30 -9.43 -0.39
C LEU A 52 -12.73 -8.59 -1.53
N MET A 53 -11.52 -8.92 -1.95
CA MET A 53 -10.93 -8.29 -3.12
C MET A 53 -11.68 -8.75 -4.38
N PRO A 54 -11.67 -7.94 -5.44
CA PRO A 54 -12.34 -8.35 -6.68
C PRO A 54 -11.82 -9.67 -7.25
N GLU A 55 -10.51 -9.91 -7.16
CA GLU A 55 -9.96 -11.17 -7.63
C GLU A 55 -10.49 -12.34 -6.81
N GLU A 56 -10.58 -12.18 -5.49
CA GLU A 56 -11.13 -13.23 -4.66
C GLU A 56 -12.60 -13.48 -5.00
N ALA A 57 -13.37 -12.43 -5.23
CA ALA A 57 -14.77 -12.60 -5.58
C ALA A 57 -14.91 -13.34 -6.90
N ARG A 58 -14.11 -13.00 -7.89
CA ARG A 58 -14.17 -13.69 -9.17
C ARG A 58 -13.75 -15.15 -9.04
N LEU A 59 -12.73 -15.42 -8.24
CA LEU A 59 -12.29 -16.80 -8.04
C LEU A 59 -13.36 -17.65 -7.37
N LEU A 60 -14.02 -17.09 -6.34
CA LEU A 60 -15.15 -17.79 -5.74
C LEU A 60 -16.30 -17.98 -6.72
N ALA A 61 -16.54 -17.00 -7.59
CA ALA A 61 -17.65 -17.11 -8.52
C ALA A 61 -17.42 -18.18 -9.57
N GLU A 62 -16.24 -18.20 -10.19
CA GLU A 62 -16.02 -19.09 -11.33
C GLU A 62 -16.01 -20.55 -10.92
N ILE A 63 -15.24 -20.90 -9.88
CA ILE A 63 -15.04 -22.31 -9.55
C ILE A 63 -16.26 -22.97 -8.92
N GLY A 64 -17.35 -22.24 -8.75
CA GLY A 64 -18.58 -22.82 -8.26
C GLY A 64 -18.59 -23.07 -6.77
N ALA A 65 -18.45 -22.02 -5.99
CA ALA A 65 -18.49 -22.12 -4.53
C ALA A 65 -19.50 -21.16 -3.91
N VAL A 66 -19.65 -19.96 -4.46
CA VAL A 66 -20.62 -18.98 -3.98
C VAL A 66 -21.39 -18.44 -5.17
N THR A 67 -22.53 -17.82 -4.87
CA THR A 67 -23.37 -17.18 -5.88
C THR A 67 -23.43 -15.69 -5.59
N LEU A 68 -23.08 -14.88 -6.59
CA LEU A 68 -23.13 -13.43 -6.44
C LEU A 68 -24.55 -12.94 -6.70
N VAL A 69 -25.05 -12.08 -5.81
CA VAL A 69 -26.40 -11.55 -5.90
C VAL A 69 -26.34 -10.03 -5.80
N SER A 70 -27.33 -9.38 -6.41
CA SER A 70 -27.40 -7.92 -6.40
C SER A 70 -27.98 -7.42 -5.09
N ALA A 71 -27.92 -6.11 -4.90
CA ALA A 71 -28.47 -5.51 -3.69
C ALA A 71 -30.00 -5.55 -3.74
N PRO A 72 -30.65 -6.15 -2.74
CA PRO A 72 -32.12 -6.22 -2.68
C PRO A 72 -32.76 -4.93 -2.17
N ARG A 151 -31.59 -11.72 -6.85
CA ARG A 151 -31.39 -12.02 -8.26
C ARG A 151 -29.91 -12.23 -8.57
N PRO A 152 -29.60 -13.29 -9.32
CA PRO A 152 -28.20 -13.56 -9.66
C PRO A 152 -27.59 -12.44 -10.50
N LEU A 153 -26.29 -12.25 -10.31
CA LEU A 153 -25.53 -11.23 -11.04
C LEU A 153 -24.50 -11.91 -11.93
N ASP A 154 -24.29 -11.34 -13.11
CA ASP A 154 -23.33 -11.86 -14.08
C ASP A 154 -22.11 -10.94 -14.09
N TRP A 155 -20.93 -11.50 -13.86
CA TRP A 155 -19.69 -10.74 -13.81
C TRP A 155 -19.01 -10.64 -15.17
N ARG A 156 -19.57 -11.25 -16.21
CA ARG A 156 -18.97 -11.22 -17.54
C ARG A 156 -19.38 -10.01 -18.36
N VAL A 157 -20.30 -9.19 -17.86
CA VAL A 157 -20.76 -8.00 -18.57
C VAL A 157 -20.56 -6.79 -17.65
N GLN A 158 -20.05 -5.70 -18.22
CA GLN A 158 -19.83 -4.48 -17.46
C GLN A 158 -21.17 -3.82 -17.13
N SER A 159 -21.32 -3.40 -15.88
CA SER A 159 -22.57 -2.79 -15.43
C SER A 159 -22.22 -1.76 -14.35
N LYS A 160 -23.23 -1.33 -13.60
CA LYS A 160 -22.99 -0.43 -12.47
C LYS A 160 -22.61 -1.19 -11.21
N ASP A 161 -23.03 -2.44 -11.09
CA ASP A 161 -22.67 -3.28 -9.95
C ASP A 161 -21.38 -4.06 -10.16
N TRP A 162 -20.81 -4.02 -11.36
CA TRP A 162 -19.58 -4.76 -11.67
C TRP A 162 -18.84 -4.03 -12.77
N PRO A 163 -18.14 -2.94 -12.45
CA PRO A 163 -17.42 -2.18 -13.48
C PRO A 163 -16.01 -2.70 -13.73
N HIS A 164 -15.70 -3.90 -13.24
CA HIS A 164 -14.37 -4.46 -13.33
C HIS A 164 -14.11 -5.24 -14.61
N ALA A 165 -15.13 -5.39 -15.47
CA ALA A 165 -14.98 -6.18 -16.69
C ALA A 165 -14.50 -5.28 -17.82
N GLY A 166 -13.37 -5.65 -18.42
CA GLY A 166 -12.84 -4.92 -19.57
C GLY A 166 -11.70 -3.99 -19.26
N ARG A 167 -10.81 -4.40 -18.36
CA ARG A 167 -9.64 -3.62 -18.02
C ARG A 167 -8.40 -4.50 -18.07
N PRO A 168 -7.25 -3.94 -18.47
CA PRO A 168 -6.03 -4.78 -18.54
C PRO A 168 -5.45 -5.08 -17.17
N ALA A 169 -5.41 -4.10 -16.27
CA ALA A 169 -4.79 -4.30 -14.96
C ALA A 169 -5.55 -5.34 -14.15
N HIS A 170 -6.88 -5.29 -14.18
CA HIS A 170 -7.67 -6.25 -13.42
C HIS A 170 -7.46 -7.67 -13.92
N GLU A 171 -7.42 -7.85 -15.25
CA GLU A 171 -7.17 -9.18 -15.81
C GLU A 171 -5.77 -9.67 -15.46
N LEU A 172 -4.78 -8.77 -15.53
CA LEU A 172 -3.42 -9.09 -15.12
C LEU A 172 -3.38 -9.61 -13.68
N ARG A 173 -3.98 -8.84 -12.77
CA ARG A 173 -3.97 -9.19 -11.36
C ARG A 173 -4.73 -10.49 -11.12
N TYR A 174 -5.85 -10.68 -11.81
CA TYR A 174 -6.62 -11.91 -11.63
C TYR A 174 -5.85 -13.13 -12.09
N SER A 175 -5.18 -13.03 -13.24
CA SER A 175 -4.38 -14.16 -13.73
C SER A 175 -3.27 -14.50 -12.75
N ILE A 176 -2.55 -13.48 -12.26
CA ILE A 176 -1.47 -13.74 -11.32
C ILE A 176 -2.00 -14.32 -10.02
N TYR A 177 -3.11 -13.78 -9.51
CA TYR A 177 -3.71 -14.30 -8.28
C TYR A 177 -4.10 -15.76 -8.44
N ARG A 178 -4.75 -16.11 -9.55
CA ARG A 178 -5.16 -17.50 -9.75
C ARG A 178 -3.95 -18.42 -9.88
N ASP A 179 -2.91 -17.97 -10.61
CA ASP A 179 -1.73 -18.81 -10.78
C ASP A 179 -1.03 -19.07 -9.46
N LEU A 180 -0.88 -18.03 -8.63
CA LEU A 180 -0.23 -18.23 -7.33
C LEU A 180 -1.12 -19.03 -6.38
N TRP A 181 -2.44 -18.85 -6.46
CA TRP A 181 -3.35 -19.57 -5.58
C TRP A 181 -3.36 -21.06 -5.87
N GLU A 182 -3.27 -21.43 -7.16
CA GLU A 182 -3.30 -22.85 -7.51
C GLU A 182 -2.12 -23.61 -6.94
N ARG A 183 -1.00 -22.93 -6.70
CA ARG A 183 0.18 -23.60 -6.17
C ARG A 183 0.05 -23.95 -4.69
N GLY A 184 -0.74 -23.19 -3.93
CA GLY A 184 -0.94 -23.50 -2.53
C GLY A 184 -0.46 -22.42 -1.58
N PHE A 185 -0.46 -21.18 -2.04
CA PHE A 185 -0.01 -20.05 -1.23
C PHE A 185 -1.21 -19.27 -0.67
N PHE A 186 -0.97 -18.59 0.45
CA PHE A 186 -1.89 -17.61 0.98
C PHE A 186 -1.49 -16.22 0.48
N LEU A 187 -2.48 -15.35 0.31
CA LEU A 187 -2.27 -14.06 -0.35
C LEU A 187 -2.92 -12.95 0.43
N SER A 188 -2.38 -11.74 0.27
CA SER A 188 -2.83 -10.57 1.01
C SER A 188 -2.35 -9.32 0.30
N ALA A 189 -2.80 -8.16 0.79
CA ALA A 189 -2.48 -6.88 0.19
C ALA A 189 -1.17 -6.32 0.73
N ALA A 190 -0.42 -5.63 -0.13
CA ALA A 190 0.91 -5.14 0.18
C ALA A 190 1.08 -3.70 -0.27
N GLY A 191 0.13 -2.85 0.10
CA GLY A 191 0.24 -1.44 -0.26
C GLY A 191 1.36 -0.72 0.49
N LYS A 192 1.52 -1.02 1.78
CA LYS A 192 2.53 -0.35 2.58
C LYS A 192 3.95 -0.74 2.21
N PHE A 193 4.13 -1.90 1.57
CA PHE A 193 5.45 -2.39 1.21
C PHE A 193 5.81 -2.13 -0.25
N GLY A 194 5.04 -1.29 -0.94
CA GLY A 194 5.33 -0.95 -2.32
C GLY A 194 5.21 -2.08 -3.30
N GLY A 195 4.17 -2.91 -3.17
CA GLY A 195 3.96 -4.02 -4.09
C GLY A 195 2.50 -4.25 -4.41
N ASP A 196 2.19 -5.43 -4.94
CA ASP A 196 0.82 -5.81 -5.28
C ASP A 196 0.25 -6.86 -4.35
N PHE A 197 0.99 -7.92 -4.07
CA PHE A 197 0.54 -9.01 -3.23
C PHE A 197 1.61 -9.36 -2.21
N LEU A 198 1.17 -9.96 -1.11
CA LEU A 198 2.05 -10.60 -0.15
C LEU A 198 1.87 -12.10 -0.24
N VAL A 199 2.97 -12.84 -0.36
CA VAL A 199 2.93 -14.28 -0.57
C VAL A 199 3.39 -14.97 0.70
N TYR A 200 2.51 -15.77 1.29
CA TYR A 200 2.78 -16.48 2.54
C TYR A 200 3.10 -17.94 2.27
N PRO A 201 3.92 -18.57 3.12
CA PRO A 201 4.08 -20.03 3.03
C PRO A 201 2.95 -20.79 3.71
N GLY A 202 2.13 -20.13 4.50
CA GLY A 202 1.05 -20.78 5.21
C GLY A 202 0.03 -19.77 5.64
N ASP A 203 -0.72 -20.10 6.69
CA ASP A 203 -1.74 -19.20 7.19
C ASP A 203 -1.10 -17.93 7.73
N PRO A 204 -1.64 -16.75 7.41
CA PRO A 204 -1.07 -15.51 7.95
C PRO A 204 -0.99 -15.47 9.47
N LEU A 205 -1.75 -16.30 10.16
CA LEU A 205 -1.50 -16.54 11.58
C LEU A 205 -0.39 -17.56 11.70
N ARG A 206 0.64 -17.23 12.50
CA ARG A 206 1.79 -18.08 12.80
C ARG A 206 2.82 -18.16 11.68
N PHE A 207 2.85 -17.22 10.72
CA PHE A 207 3.86 -17.28 9.68
C PHE A 207 4.20 -15.88 9.17
N PHE A 208 5.49 -15.62 8.99
CA PHE A 208 5.96 -14.40 8.35
C PHE A 208 5.84 -14.51 6.84
N ALA A 209 5.50 -13.41 6.19
CA ALA A 209 5.42 -13.39 4.74
C ALA A 209 6.81 -13.51 4.13
N HIS A 210 6.90 -14.20 2.99
CA HIS A 210 8.18 -14.48 2.36
C HIS A 210 8.49 -13.59 1.17
N TYR A 211 7.49 -13.19 0.39
CA TYR A 211 7.72 -12.50 -0.87
C TYR A 211 6.87 -11.24 -0.94
N ILE A 212 7.30 -10.32 -1.80
CA ILE A 212 6.54 -9.15 -2.18
C ILE A 212 6.41 -9.19 -3.70
N ALA A 213 5.23 -9.56 -4.18
CA ALA A 213 5.01 -9.78 -5.61
C ALA A 213 4.64 -8.48 -6.31
N GLN A 214 5.19 -8.28 -7.50
CA GLN A 214 4.90 -7.13 -8.33
C GLN A 214 4.42 -7.59 -9.70
N CYS A 215 3.34 -6.99 -10.19
CA CYS A 215 2.74 -7.37 -11.46
C CYS A 215 3.18 -6.39 -12.53
N TRP A 216 3.93 -6.89 -13.51
CA TRP A 216 4.47 -6.08 -14.60
C TRP A 216 4.02 -6.65 -15.93
N ALA A 217 3.63 -5.78 -16.85
CA ALA A 217 3.37 -6.20 -18.21
C ALA A 217 4.68 -6.59 -18.89
N PRO A 218 4.65 -7.57 -19.79
CA PRO A 218 5.91 -8.07 -20.36
C PRO A 218 6.72 -7.02 -21.11
N GLU A 219 6.07 -6.02 -21.70
CA GLU A 219 6.75 -5.03 -22.52
C GLU A 219 7.05 -3.73 -21.79
N ASP A 220 6.70 -3.62 -20.51
CA ASP A 220 7.00 -2.41 -19.76
C ASP A 220 8.49 -2.32 -19.43
N THR A 221 8.96 -1.08 -19.30
CA THR A 221 10.33 -0.80 -18.89
C THR A 221 10.35 -0.46 -17.41
N ILE A 222 11.22 -1.13 -16.65
CA ILE A 222 11.34 -0.93 -15.21
C ILE A 222 12.52 -0.02 -14.95
N PRO A 223 12.31 1.16 -14.38
CA PRO A 223 13.46 2.03 -14.07
C PRO A 223 14.34 1.42 -12.99
N LEU A 224 15.65 1.66 -13.12
CA LEU A 224 16.59 1.06 -12.19
C LEU A 224 16.62 1.77 -10.83
N GLN A 225 16.15 3.01 -10.76
CA GLN A 225 16.11 3.71 -9.48
C GLN A 225 15.01 3.17 -8.58
N ASP A 226 13.96 2.60 -9.17
CA ASP A 226 12.85 2.04 -8.41
C ASP A 226 13.04 0.58 -8.05
N LEU A 227 14.09 -0.06 -8.53
CA LEU A 227 14.42 -1.43 -8.11
C LEU A 227 15.36 -1.46 -6.91
N VAL A 228 16.26 -0.48 -6.81
CA VAL A 228 17.18 -0.42 -5.67
C VAL A 228 16.41 -0.17 -4.38
N ALA A 229 15.40 0.71 -4.43
CA ALA A 229 14.60 0.97 -3.24
C ALA A 229 13.84 -0.29 -2.81
N ALA A 230 13.29 -1.02 -3.77
CA ALA A 230 12.59 -2.27 -3.45
C ALA A 230 13.54 -3.29 -2.84
N GLY A 231 14.75 -3.41 -3.41
CA GLY A 231 15.72 -4.34 -2.84
C GLY A 231 16.15 -3.96 -1.44
N ARG A 232 16.35 -2.66 -1.20
CA ARG A 232 16.74 -2.21 0.14
C ARG A 232 15.62 -2.45 1.15
N LEU A 233 14.37 -2.19 0.76
CA LEU A 233 13.26 -2.45 1.66
C LEU A 233 13.12 -3.94 1.95
N GLY A 234 13.31 -4.77 0.92
CA GLY A 234 13.28 -6.21 1.15
C GLY A 234 14.37 -6.69 2.08
N THR A 235 15.58 -6.12 1.93
CA THR A 235 16.67 -6.46 2.84
C THR A 235 16.34 -6.03 4.26
N SER A 236 15.78 -4.84 4.43
CA SER A 236 15.49 -4.33 5.77
C SER A 236 14.32 -5.04 6.43
N VAL A 237 13.42 -5.65 5.66
CA VAL A 237 12.26 -6.33 6.20
C VAL A 237 12.40 -7.85 6.15
N ARG A 238 13.46 -8.36 5.51
CA ARG A 238 13.69 -9.80 5.32
C ARG A 238 12.63 -10.43 4.41
N LYS A 239 12.47 -9.84 3.23
CA LYS A 239 11.56 -10.36 2.22
C LYS A 239 12.25 -10.34 0.87
N THR A 240 11.80 -11.20 -0.02
CA THR A 240 12.33 -11.29 -1.38
C THR A 240 11.34 -10.70 -2.37
N LEU A 241 11.86 -10.12 -3.45
CA LEU A 241 11.05 -9.47 -4.46
C LEU A 241 10.78 -10.43 -5.62
N LEU A 242 9.53 -10.49 -6.05
CA LEU A 242 9.11 -11.34 -7.17
C LEU A 242 8.64 -10.47 -8.33
N LEU A 243 9.01 -10.88 -9.54
CA LEU A 243 8.58 -10.21 -10.76
C LEU A 243 7.70 -11.16 -11.56
N CYS A 244 6.49 -10.71 -11.90
CA CYS A 244 5.49 -11.53 -12.57
C CYS A 244 5.07 -10.87 -13.86
N SER A 245 5.02 -11.66 -14.95
CA SER A 245 4.63 -11.15 -16.26
C SER A 245 4.05 -12.31 -17.06
N PRO A 246 2.72 -12.41 -17.15
CA PRO A 246 2.11 -13.56 -17.83
C PRO A 246 2.35 -13.51 -19.33
N GLN A 247 2.87 -14.61 -19.87
CA GLN A 247 3.06 -14.74 -21.30
C GLN A 247 1.72 -14.97 -21.98
N PRO A 248 1.61 -14.66 -23.28
CA PRO A 248 0.34 -14.86 -24.00
C PRO A 248 -0.08 -16.31 -24.13
N ASP A 249 0.70 -17.27 -23.61
CA ASP A 249 0.35 -18.68 -23.69
C ASP A 249 -0.45 -19.15 -22.47
N GLY A 250 -0.81 -18.26 -21.56
CA GLY A 250 -1.53 -18.64 -20.36
C GLY A 250 -0.68 -19.12 -19.21
N LYS A 251 0.65 -19.04 -19.34
CA LYS A 251 1.57 -19.44 -18.28
C LYS A 251 2.37 -18.22 -17.83
N VAL A 252 2.66 -18.17 -16.53
CA VAL A 252 3.32 -17.02 -15.92
C VAL A 252 4.73 -17.42 -15.50
N VAL A 253 5.69 -16.54 -15.76
CA VAL A 253 7.09 -16.76 -15.39
C VAL A 253 7.44 -15.84 -14.23
N TYR A 254 8.28 -16.34 -13.33
CA TYR A 254 8.66 -15.63 -12.11
C TYR A 254 10.17 -15.49 -12.03
N THR A 255 10.63 -14.32 -11.62
CA THR A 255 12.05 -14.03 -11.42
C THR A 255 12.25 -13.49 -10.01
N SER A 256 13.28 -13.97 -9.33
CA SER A 256 13.55 -13.59 -7.94
C SER A 256 14.78 -12.69 -7.87
N LEU A 257 14.65 -11.58 -7.16
CA LEU A 257 15.72 -10.60 -6.99
C LEU A 257 16.06 -10.47 -5.52
N GLN A 258 17.35 -10.37 -5.22
CA GLN A 258 17.79 -10.22 -3.84
C GLN A 258 19.19 -9.61 -3.83
N TRP A 259 19.54 -9.03 -2.68
CA TRP A 259 20.85 -8.42 -2.50
C TRP A 259 21.91 -9.48 -2.25
N ALA A 260 23.05 -9.33 -2.94
CA ALA A 260 24.19 -10.23 -2.77
C ALA A 260 25.38 -9.41 -2.30
N SER A 261 26.00 -9.84 -1.20
CA SER A 261 27.13 -9.15 -0.62
C SER A 261 28.41 -9.91 -0.96
N LEU A 262 29.37 -9.21 -1.56
CA LEU A 262 30.64 -9.82 -1.94
C LEU A 262 31.78 -8.82 -1.82
N PRO B 132 20.31 13.90 -21.60
CA PRO B 132 19.50 15.11 -21.42
C PRO B 132 19.38 15.54 -19.96
N THR B 133 19.56 14.58 -19.05
CA THR B 133 19.45 14.86 -17.62
C THR B 133 20.73 15.46 -17.03
N PHE B 134 21.81 15.50 -17.82
CA PHE B 134 23.06 16.07 -17.31
C PHE B 134 22.89 17.54 -16.97
N ARG B 135 22.19 18.30 -17.82
CA ARG B 135 21.95 19.70 -17.54
C ARG B 135 21.14 19.89 -16.28
N THR B 136 20.08 19.11 -16.10
CA THR B 136 19.26 19.21 -14.90
C THR B 136 20.06 18.91 -13.65
N THR B 137 20.89 17.86 -13.70
CA THR B 137 21.77 17.56 -12.58
C THR B 137 22.73 18.72 -12.33
N TYR B 138 23.19 19.38 -13.39
CA TYR B 138 24.13 20.48 -13.22
C TYR B 138 23.47 21.67 -12.53
N MET B 139 22.27 22.05 -12.97
CA MET B 139 21.58 23.14 -12.27
C MET B 139 21.25 22.76 -10.83
N ALA B 140 20.86 21.50 -10.59
CA ALA B 140 20.58 21.09 -9.22
C ALA B 140 21.82 21.19 -8.35
N TYR B 141 22.95 20.70 -8.85
CA TYR B 141 24.19 20.74 -8.08
C TYR B 141 24.64 22.18 -7.83
N HIS B 142 24.51 23.05 -8.83
CA HIS B 142 24.93 24.43 -8.64
C HIS B 142 24.01 25.16 -7.67
N TYR B 143 22.71 24.90 -7.73
CA TYR B 143 21.77 25.55 -6.83
C TYR B 143 21.98 25.10 -5.39
N PHE B 144 22.24 23.81 -5.17
CA PHE B 144 22.51 23.34 -3.82
C PHE B 144 23.95 23.59 -3.39
N ARG B 145 24.81 24.03 -4.31
CA ARG B 145 26.19 24.34 -4.00
C ARG B 145 26.40 25.79 -3.57
N SER B 146 25.52 26.70 -4.01
CA SER B 146 25.67 28.11 -3.69
C SER B 146 25.56 28.35 -2.19
N LYS B 147 24.64 27.67 -1.52
CA LYS B 147 24.44 27.84 -0.08
C LYS B 147 25.49 27.04 0.68
N GLY B 148 25.36 26.99 2.00
CA GLY B 148 26.32 26.28 2.83
C GLY B 148 26.04 24.79 2.96
N TRP B 149 25.62 24.17 1.85
CA TRP B 149 25.31 22.75 1.81
C TRP B 149 26.29 22.06 0.88
N VAL B 150 26.88 20.96 1.36
CA VAL B 150 27.75 20.12 0.54
C VAL B 150 26.93 18.93 0.05
N PRO B 151 26.69 18.80 -1.25
CA PRO B 151 25.89 17.69 -1.76
C PRO B 151 26.74 16.52 -2.23
N LYS B 152 26.20 15.32 -2.02
CA LYS B 152 26.82 14.09 -2.50
C LYS B 152 25.75 13.22 -3.12
N VAL B 153 26.15 12.38 -4.07
CA VAL B 153 25.22 11.53 -4.79
C VAL B 153 24.87 10.32 -3.94
N GLY B 154 23.60 9.93 -3.97
CA GLY B 154 23.15 8.73 -3.29
C GLY B 154 22.54 7.72 -4.24
N LEU B 155 23.22 6.61 -4.45
CA LEU B 155 22.75 5.57 -5.35
C LEU B 155 22.12 4.39 -4.62
N LYS B 156 22.45 4.19 -3.36
CA LYS B 156 21.96 3.05 -2.58
C LYS B 156 20.57 3.26 -2.02
N TYR B 157 19.97 4.44 -2.23
CA TYR B 157 18.67 4.75 -1.66
C TYR B 157 17.61 5.10 -2.68
N GLY B 158 17.95 5.11 -3.97
CA GLY B 158 16.97 5.42 -5.00
C GLY B 158 16.69 6.89 -5.20
N THR B 159 17.49 7.77 -4.62
CA THR B 159 17.36 9.22 -4.78
C THR B 159 18.50 9.75 -5.64
N ASP B 160 18.58 11.07 -5.76
CA ASP B 160 19.61 11.71 -6.57
C ASP B 160 20.74 12.32 -5.74
N LEU B 161 20.39 13.06 -4.69
CA LEU B 161 21.39 13.75 -3.89
C LEU B 161 21.06 13.61 -2.41
N LEU B 162 22.09 13.77 -1.58
CA LEU B 162 21.95 13.79 -0.12
C LEU B 162 22.64 15.02 0.40
N LEU B 163 21.88 15.91 1.03
CA LEU B 163 22.39 17.20 1.47
C LEU B 163 22.87 17.11 2.91
N TYR B 164 24.16 17.34 3.12
CA TYR B 164 24.73 17.46 4.45
C TYR B 164 24.87 18.94 4.81
N ARG B 165 25.19 19.20 6.09
CA ARG B 165 25.38 20.55 6.57
C ARG B 165 26.59 20.61 7.49
N LYS B 166 27.18 21.79 7.59
CA LYS B 166 28.28 22.09 8.49
C LYS B 166 29.55 21.32 8.14
N GLY B 167 30.69 21.76 8.66
CA GLY B 167 31.94 21.06 8.49
C GLY B 167 32.05 19.86 9.40
N PRO B 168 32.08 20.10 10.71
CA PRO B 168 32.05 18.98 11.65
C PRO B 168 30.74 18.22 11.53
N PRO B 169 30.78 16.90 11.71
CA PRO B 169 29.56 16.10 11.56
C PRO B 169 28.55 16.40 12.67
N PHE B 170 27.29 16.52 12.28
CA PHE B 170 26.19 16.73 13.22
C PHE B 170 25.20 15.57 13.20
N TYR B 171 24.69 15.21 12.02
CA TYR B 171 23.80 14.06 11.89
C TYR B 171 24.13 13.19 10.69
N PHE B 172 25.14 13.56 9.88
CA PHE B 172 25.58 12.83 8.70
C PHE B 172 24.52 12.76 7.60
N ALA B 173 23.38 13.44 7.79
CA ALA B 173 22.31 13.44 6.79
C ALA B 173 21.30 14.49 7.20
N SER B 174 20.84 15.27 6.23
CA SER B 174 19.81 16.27 6.49
C SER B 174 18.62 16.17 5.54
N TYR B 175 18.85 15.81 4.28
CA TYR B 175 17.76 15.72 3.31
C TYR B 175 18.12 14.70 2.24
N SER B 176 17.08 14.11 1.64
CA SER B 176 17.22 13.28 0.45
C SER B 176 16.28 13.85 -0.61
N VAL B 177 16.85 14.26 -1.73
CA VAL B 177 16.14 15.06 -2.73
C VAL B 177 15.91 14.21 -3.97
N ILE B 178 14.69 14.23 -4.48
CA ILE B 178 14.33 13.57 -5.73
C ILE B 178 14.08 14.68 -6.76
N ILE B 179 14.97 14.78 -7.74
CA ILE B 179 14.86 15.83 -8.75
C ILE B 179 13.76 15.45 -9.73
N GLU B 180 12.82 16.36 -9.94
CA GLU B 180 11.70 16.15 -10.84
C GLU B 180 11.54 17.36 -11.74
N LEU B 181 11.19 17.11 -13.00
CA LEU B 181 11.06 18.16 -14.00
C LEU B 181 9.69 18.10 -14.65
N VAL B 182 9.00 19.24 -14.72
CA VAL B 182 7.70 19.34 -15.37
C VAL B 182 7.70 20.58 -16.26
N ASP B 183 6.75 20.60 -17.19
CA ASP B 183 6.58 21.72 -18.11
C ASP B 183 5.41 22.60 -17.67
N ASP B 184 5.40 23.82 -18.18
CA ASP B 184 4.43 24.83 -17.77
C ASP B 184 3.12 24.73 -18.54
N HIS B 185 2.55 23.52 -18.59
CA HIS B 185 1.20 23.34 -19.12
C HIS B 185 0.39 22.35 -18.31
N PHE B 186 0.79 22.10 -17.05
CA PHE B 186 0.09 21.26 -16.09
C PHE B 186 0.03 19.80 -16.51
N GLU B 187 0.78 19.40 -17.54
CA GLU B 187 0.90 17.99 -17.91
C GLU B 187 2.32 17.49 -17.71
N GLY B 188 3.30 18.13 -18.34
CA GLY B 188 4.70 17.80 -18.13
C GLY B 188 5.16 16.47 -18.71
N SER B 189 6.45 16.36 -18.97
CA SER B 189 7.08 15.12 -19.41
C SER B 189 7.88 14.59 -18.22
N LEU B 190 7.35 13.55 -17.58
CA LEU B 190 7.90 13.04 -16.34
C LEU B 190 8.85 11.89 -16.61
N ARG B 191 10.09 12.02 -16.13
CA ARG B 191 11.04 10.91 -16.21
C ARG B 191 10.84 9.89 -15.10
N ARG B 192 10.11 10.25 -14.04
CA ARG B 192 9.77 9.33 -12.95
C ARG B 192 8.26 9.23 -12.82
N PRO B 193 7.65 8.15 -13.30
CA PRO B 193 6.20 8.01 -13.14
C PRO B 193 5.81 7.73 -11.69
N LEU B 194 5.73 8.78 -10.89
CA LEU B 194 5.46 8.63 -9.47
C LEU B 194 4.03 8.17 -9.23
N SER B 195 3.87 7.25 -8.27
CA SER B 195 2.57 6.77 -7.82
C SER B 195 2.64 6.61 -6.31
N TRP B 196 1.53 6.12 -5.73
CA TRP B 196 1.49 6.00 -4.27
C TRP B 196 2.36 4.87 -3.76
N LYS B 197 2.47 3.78 -4.52
CA LYS B 197 3.33 2.67 -4.10
C LYS B 197 4.79 3.07 -4.06
N SER B 198 5.26 3.73 -5.12
CA SER B 198 6.64 4.18 -5.17
C SER B 198 6.94 5.18 -4.07
N LEU B 199 6.02 6.11 -3.83
CA LEU B 199 6.23 7.11 -2.78
C LEU B 199 6.26 6.46 -1.40
N ALA B 200 5.39 5.47 -1.17
CA ALA B 200 5.40 4.77 0.11
C ALA B 200 6.72 4.03 0.32
N ALA B 201 7.21 3.34 -0.71
CA ALA B 201 8.47 2.64 -0.59
C ALA B 201 9.64 3.60 -0.36
N LEU B 202 9.67 4.70 -1.09
CA LEU B 202 10.74 5.69 -0.92
C LEU B 202 10.71 6.29 0.48
N SER B 203 9.52 6.63 0.98
CA SER B 203 9.43 7.19 2.32
C SER B 203 9.85 6.19 3.38
N ARG B 204 9.46 4.92 3.22
CA ARG B 204 9.85 3.90 4.18
C ARG B 204 11.36 3.70 4.19
N VAL B 205 11.98 3.71 3.01
CA VAL B 205 13.43 3.51 2.94
C VAL B 205 14.18 4.72 3.49
N SER B 206 13.76 5.93 3.11
CA SER B 206 14.48 7.16 3.45
C SER B 206 14.10 7.68 4.84
N VAL B 207 14.21 6.81 5.85
CA VAL B 207 13.98 7.19 7.24
C VAL B 207 15.24 7.04 8.08
N ASN B 208 16.04 6.01 7.81
CA ASN B 208 17.26 5.76 8.57
C ASN B 208 18.39 6.72 8.20
N VAL B 209 18.38 7.26 6.99
CA VAL B 209 19.54 7.98 6.47
C VAL B 209 19.18 9.37 5.98
N SER B 210 18.09 9.94 6.50
CA SER B 210 17.67 11.27 6.08
C SER B 210 16.70 11.84 7.11
N LYS B 211 16.27 13.06 6.86
CA LYS B 211 15.36 13.80 7.74
C LYS B 211 14.17 14.32 6.93
N GLU B 212 13.54 13.40 6.20
CA GLU B 212 12.29 13.55 5.43
C GLU B 212 12.57 13.76 3.95
N LEU B 213 11.72 13.18 3.11
CA LEU B 213 11.88 13.25 1.67
C LEU B 213 11.64 14.67 1.16
N MET B 214 12.21 14.98 0.01
CA MET B 214 12.14 16.32 -0.56
C MET B 214 11.93 16.21 -2.07
N LEU B 215 10.81 16.75 -2.55
CA LEU B 215 10.50 16.77 -3.97
C LEU B 215 10.86 18.15 -4.53
N CYS B 216 11.75 18.18 -5.51
CA CYS B 216 12.24 19.42 -6.10
C CYS B 216 11.71 19.53 -7.52
N TYR B 217 11.12 20.67 -7.85
CA TYR B 217 10.55 20.93 -9.16
C TYR B 217 11.35 22.02 -9.87
N LEU B 218 11.62 21.82 -11.15
CA LEU B 218 12.36 22.79 -11.94
C LEU B 218 11.45 23.45 -12.98
N VAL B 240 11.65 27.47 -8.77
CA VAL B 240 11.89 26.20 -8.11
C VAL B 240 10.94 26.04 -6.92
N GLN B 241 10.39 24.84 -6.75
CA GLN B 241 9.47 24.54 -5.66
C GLN B 241 10.02 23.36 -4.86
N GLU B 242 9.92 23.47 -3.53
CA GLU B 242 10.44 22.44 -2.62
C GLU B 242 9.29 21.94 -1.76
N VAL B 243 8.64 20.88 -2.22
CA VAL B 243 7.56 20.24 -1.48
C VAL B 243 8.12 19.08 -0.70
N ILE B 244 7.81 19.00 0.59
CA ILE B 244 8.36 18.01 1.50
C ILE B 244 7.24 17.06 1.93
N LEU B 245 7.51 15.76 1.84
CA LEU B 245 6.55 14.72 2.14
C LEU B 245 6.97 13.95 3.38
N SER B 246 5.99 13.63 4.23
CA SER B 246 6.26 12.94 5.48
C SER B 246 5.03 12.13 5.87
N ARG B 247 5.23 11.23 6.84
CA ARG B 247 4.19 10.30 7.27
C ARG B 247 3.51 10.84 8.52
N TRP B 248 2.19 10.77 8.54
CA TRP B 248 1.37 11.27 9.65
C TRP B 248 0.78 10.06 10.38
N VAL B 249 1.31 9.77 11.56
CA VAL B 249 0.81 8.65 12.36
C VAL B 249 -0.41 9.09 13.12
N SER B 250 -1.48 8.29 13.05
CA SER B 250 -2.78 8.70 13.57
C SER B 250 -2.87 8.64 15.08
N SER B 251 -2.19 7.69 15.72
CA SER B 251 -2.28 7.49 17.16
C SER B 251 -1.18 8.20 17.93
N ARG B 252 -0.31 8.96 17.27
CA ARG B 252 0.74 9.71 17.93
C ARG B 252 0.52 11.21 17.89
N GLU B 253 -0.56 11.68 17.25
CA GLU B 253 -0.80 13.10 17.07
C GLU B 253 -2.12 13.56 17.68
N ARG B 254 -2.73 12.76 18.55
CA ARG B 254 -4.01 13.12 19.15
C ARG B 254 -3.86 13.96 20.41
N SER B 255 -2.64 14.24 20.83
CA SER B 255 -2.41 15.13 21.98
C SER B 255 -0.98 15.64 21.91
N ASP B 256 -0.74 16.75 22.59
CA ASP B 256 0.59 17.36 22.62
C ASP B 256 1.38 16.90 23.85
N SER C 30 -16.46 -9.98 29.21
CA SER C 30 -15.78 -9.02 30.06
C SER C 30 -15.42 -7.76 29.30
N GLN C 31 -14.18 -7.30 29.48
CA GLN C 31 -13.70 -6.09 28.81
C GLN C 31 -12.33 -6.26 28.15
N LYS C 32 -11.55 -7.26 28.54
CA LYS C 32 -10.27 -7.54 27.91
C LYS C 32 -10.47 -8.35 26.64
N LEU C 33 -9.66 -8.05 25.61
CA LEU C 33 -9.76 -8.74 24.33
C LEU C 33 -8.48 -9.50 24.04
N PRO C 34 -8.58 -10.65 23.35
CA PRO C 34 -7.41 -11.52 23.16
C PRO C 34 -6.48 -10.99 22.08
N GLN C 35 -5.33 -11.66 21.97
CA GLN C 35 -4.28 -11.30 21.04
C GLN C 35 -4.33 -12.21 19.80
N ARG C 36 -3.98 -11.63 18.65
CA ARG C 36 -4.15 -12.32 17.38
C ARG C 36 -3.29 -13.58 17.32
N SER C 37 -1.98 -13.42 17.34
CA SER C 37 -1.04 -14.54 17.39
C SER C 37 -0.34 -14.52 18.74
N HIS C 38 -0.36 -15.65 19.42
CA HIS C 38 0.15 -15.73 20.80
C HIS C 38 1.67 -15.92 20.75
N GLY C 39 2.38 -14.80 20.67
CA GLY C 39 3.82 -14.81 20.63
C GLY C 39 4.35 -14.49 19.24
N PRO C 40 5.66 -14.64 19.06
CA PRO C 40 6.25 -14.41 17.73
C PRO C 40 5.84 -15.47 16.73
N LYS C 41 5.87 -15.10 15.46
CA LYS C 41 5.49 -15.99 14.37
C LYS C 41 6.67 -16.91 14.04
N ASP C 42 6.52 -17.71 12.97
CA ASP C 42 7.52 -18.64 12.52
C ASP C 42 8.08 -18.21 11.16
N PHE C 43 8.99 -19.01 10.63
CA PHE C 43 9.61 -18.72 9.34
C PHE C 43 9.30 -19.79 8.30
N LEU C 44 9.56 -21.05 8.60
CA LEU C 44 9.36 -22.13 7.64
C LEU C 44 8.49 -23.22 8.24
N PRO C 45 7.53 -23.74 7.48
CA PRO C 45 6.71 -24.84 7.98
C PRO C 45 7.52 -26.11 8.17
N ASP C 46 7.10 -26.91 9.15
CA ASP C 46 7.69 -28.21 9.43
C ASP C 46 6.71 -29.36 9.26
N GLY C 47 5.46 -29.17 9.67
CA GLY C 47 4.51 -30.27 9.69
C GLY C 47 4.86 -31.33 10.71
N SER C 48 5.30 -30.91 11.90
CA SER C 48 5.77 -31.83 12.93
C SER C 48 4.76 -32.00 14.06
N ALA C 49 3.50 -31.73 13.82
CA ALA C 49 2.37 -31.88 14.74
C ALA C 49 2.43 -30.92 15.92
N ALA C 50 3.50 -30.11 16.03
CA ALA C 50 3.55 -29.04 17.02
C ALA C 50 3.21 -27.69 16.41
N GLN C 51 3.47 -27.51 15.12
CA GLN C 51 3.04 -26.32 14.39
C GLN C 51 1.58 -26.42 13.95
N ALA C 52 0.98 -27.60 14.00
CA ALA C 52 -0.41 -27.80 13.64
C ALA C 52 -1.35 -27.74 14.84
N GLU C 53 -0.82 -27.56 16.04
CA GLU C 53 -1.62 -27.35 17.24
C GLU C 53 -1.75 -25.87 17.59
N ARG C 54 -0.66 -25.12 17.46
CA ARG C 54 -0.73 -23.67 17.65
C ARG C 54 -1.65 -23.03 16.61
N LEU C 55 -1.62 -23.53 15.37
CA LEU C 55 -2.52 -23.02 14.34
C LEU C 55 -3.98 -23.26 14.71
N ARG C 56 -4.29 -24.47 15.19
CA ARG C 56 -5.67 -24.77 15.59
C ARG C 56 -6.10 -23.90 16.76
N ARG C 57 -5.22 -23.71 17.75
CA ARG C 57 -5.58 -22.90 18.90
C ARG C 57 -5.76 -21.43 18.52
N CYS C 58 -4.96 -20.94 17.58
CA CYS C 58 -5.15 -19.57 17.11
C CYS C 58 -6.41 -19.42 16.27
N ARG C 59 -6.77 -20.46 15.52
CA ARG C 59 -7.94 -20.36 14.65
C ARG C 59 -9.24 -20.44 15.44
N GLU C 60 -9.32 -21.34 16.43
CA GLU C 60 -10.57 -21.50 17.14
C GLU C 60 -10.89 -20.32 18.04
N GLU C 61 -9.92 -19.46 18.32
CA GLU C 61 -10.12 -18.28 19.15
C GLU C 61 -10.49 -17.05 18.33
N LEU C 62 -10.55 -17.17 17.00
CA LEU C 62 -10.91 -16.05 16.14
C LEU C 62 -12.39 -16.01 15.81
N TRP C 63 -12.98 -17.17 15.51
CA TRP C 63 -14.40 -17.24 15.21
C TRP C 63 -15.27 -17.28 16.46
N GLN C 64 -14.66 -17.44 17.64
CA GLN C 64 -15.35 -17.20 18.89
C GLN C 64 -15.56 -15.72 19.15
N LEU C 65 -14.85 -14.85 18.42
CA LEU C 65 -14.95 -13.41 18.58
C LEU C 65 -15.86 -12.75 17.57
N LEU C 66 -15.95 -13.27 16.34
CA LEU C 66 -16.84 -12.70 15.34
C LEU C 66 -18.30 -13.05 15.60
N ALA C 67 -18.55 -14.12 16.37
CA ALA C 67 -19.92 -14.55 16.62
C ALA C 67 -20.60 -13.76 17.73
N GLU C 68 -19.87 -12.95 18.49
CA GLU C 68 -20.46 -12.18 19.57
C GLU C 68 -21.39 -11.10 19.02
N GLN C 69 -22.48 -10.86 19.74
CA GLN C 69 -23.46 -9.86 19.36
C GLN C 69 -23.78 -8.97 20.56
N ARG C 70 -24.14 -7.72 20.27
CA ARG C 70 -24.33 -6.73 21.30
C ARG C 70 -25.74 -6.82 21.90
N VAL C 71 -25.88 -6.25 23.10
CA VAL C 71 -27.15 -6.20 23.82
C VAL C 71 -27.14 -4.97 24.73
N GLU C 72 -28.27 -4.28 24.81
CA GLU C 72 -28.37 -3.08 25.61
C GLU C 72 -29.76 -3.00 26.23
N ARG C 73 -29.83 -2.40 27.41
CA ARG C 73 -31.11 -2.22 28.09
C ARG C 73 -31.96 -1.17 27.37
N LEU C 74 -33.28 -1.38 27.41
CA LEU C 74 -34.20 -0.48 26.72
C LEU C 74 -34.31 0.90 27.38
N GLY C 75 -33.77 1.07 28.58
CA GLY C 75 -33.86 2.33 29.28
C GLY C 75 -32.84 3.38 28.90
N SER C 76 -31.93 3.06 27.98
CA SER C 76 -30.88 4.00 27.57
C SER C 76 -30.74 4.00 26.05
N LEU C 77 -31.87 3.93 25.34
CA LEU C 77 -31.88 3.96 23.89
C LEU C 77 -32.65 5.17 23.39
N VAL C 78 -32.17 5.76 22.30
CA VAL C 78 -32.79 6.91 21.66
C VAL C 78 -33.38 6.46 20.33
N ALA C 79 -34.62 6.82 20.07
CA ALA C 79 -35.29 6.44 18.83
C ALA C 79 -35.06 7.50 17.76
N ALA C 80 -35.07 7.05 16.50
CA ALA C 80 -34.86 7.96 15.37
C ALA C 80 -35.51 7.36 14.14
N GLU C 81 -35.68 8.20 13.12
CA GLU C 81 -36.35 7.80 11.89
C GLU C 81 -35.58 8.32 10.68
N TRP C 82 -35.45 7.48 9.67
CA TRP C 82 -34.73 7.82 8.45
C TRP C 82 -35.70 8.40 7.43
N ARG C 83 -35.31 9.53 6.82
CA ARG C 83 -36.16 10.27 5.88
C ARG C 83 -35.40 10.44 4.56
N PRO C 84 -35.46 9.46 3.66
CA PRO C 84 -34.74 9.60 2.38
C PRO C 84 -35.24 10.74 1.52
N GLU C 85 -36.50 11.16 1.68
CA GLU C 85 -37.05 12.22 0.85
C GLU C 85 -36.33 13.55 1.10
N GLU C 86 -36.03 13.85 2.35
CA GLU C 86 -35.31 15.07 2.70
C GLU C 86 -33.80 14.85 2.74
N GLY C 87 -33.36 13.70 3.21
CA GLY C 87 -31.95 13.37 3.26
C GLY C 87 -31.27 13.54 4.60
N PHE C 88 -32.00 13.40 5.70
CA PHE C 88 -31.45 13.52 7.04
C PHE C 88 -31.95 12.36 7.89
N VAL C 89 -31.51 12.35 9.15
CA VAL C 89 -32.07 11.52 10.20
C VAL C 89 -32.51 12.45 11.32
N GLU C 90 -33.77 12.35 11.73
CA GLU C 90 -34.33 13.27 12.72
C GLU C 90 -34.77 12.48 13.94
N LEU C 91 -34.44 13.01 15.12
CA LEU C 91 -34.69 12.35 16.38
C LEU C 91 -36.12 12.59 16.86
N LYS C 92 -36.59 11.72 17.74
CA LYS C 92 -37.88 11.88 18.38
C LYS C 92 -37.77 11.89 19.91
N SER C 93 -36.57 11.95 20.44
CA SER C 93 -36.32 12.05 21.87
C SER C 93 -35.13 12.96 22.09
N PRO C 94 -35.00 13.54 23.28
CA PRO C 94 -33.80 14.35 23.57
C PRO C 94 -32.53 13.53 23.45
N ALA C 95 -31.48 14.17 22.93
CA ALA C 95 -30.22 13.49 22.70
C ALA C 95 -29.43 13.39 24.01
N GLY C 96 -28.28 12.72 23.94
CA GLY C 96 -27.45 12.52 25.11
C GLY C 96 -26.09 13.19 25.02
N LYS C 97 -25.06 12.50 25.53
CA LYS C 97 -23.73 13.10 25.63
C LYS C 97 -23.13 13.39 24.26
N PHE C 98 -23.52 12.64 23.23
CA PHE C 98 -22.94 12.85 21.90
C PHE C 98 -23.40 14.15 21.26
N TRP C 99 -24.36 14.85 21.85
CA TRP C 99 -24.87 16.08 21.27
C TRP C 99 -23.85 17.21 21.31
N GLN C 100 -22.84 17.13 22.18
CA GLN C 100 -21.85 18.19 22.28
C GLN C 100 -20.93 18.26 21.07
N THR C 101 -20.87 17.20 20.27
CA THR C 101 -19.97 17.14 19.13
C THR C 101 -20.65 16.76 17.81
N MET C 102 -21.80 16.10 17.84
CA MET C 102 -22.48 15.62 16.65
C MET C 102 -23.90 16.19 16.57
N GLY C 103 -24.45 16.21 15.37
CA GLY C 103 -25.80 16.64 15.14
C GLY C 103 -25.93 18.12 14.82
N PHE C 104 -27.11 18.48 14.35
CA PHE C 104 -27.43 19.88 14.04
C PHE C 104 -28.92 20.08 14.26
N SER C 105 -29.28 21.25 14.79
CA SER C 105 -30.65 21.55 15.15
C SER C 105 -31.25 22.51 14.13
N GLU C 106 -32.44 22.18 13.65
CA GLU C 106 -33.17 23.03 12.71
C GLU C 106 -34.66 22.95 13.02
N GLN C 107 -35.32 24.11 13.00
CA GLN C 107 -36.77 24.20 13.17
C GLN C 107 -37.24 23.57 14.47
N GLY C 108 -36.39 23.61 15.51
CA GLY C 108 -36.75 23.08 16.81
C GLY C 108 -36.46 21.61 17.01
N ARG C 109 -36.17 20.88 15.94
CA ARG C 109 -35.89 19.45 16.04
C ARG C 109 -34.40 19.18 15.99
N GLN C 110 -34.04 17.94 16.31
CA GLN C 110 -32.65 17.48 16.29
C GLN C 110 -32.45 16.54 15.11
N ARG C 111 -31.42 16.79 14.31
CA ARG C 111 -31.20 16.05 13.08
C ARG C 111 -29.74 15.63 12.96
N LEU C 112 -29.52 14.55 12.20
CA LEU C 112 -28.20 13.97 12.04
C LEU C 112 -27.91 13.73 10.56
N HIS C 113 -26.63 13.68 10.22
CA HIS C 113 -26.19 13.30 8.89
C HIS C 113 -26.19 11.78 8.75
N PRO C 114 -26.30 11.27 7.52
CA PRO C 114 -26.34 9.80 7.33
C PRO C 114 -25.11 9.08 7.88
N GLU C 115 -23.91 9.67 7.73
CA GLU C 115 -22.72 9.01 8.25
C GLU C 115 -22.67 9.06 9.77
N GLU C 116 -23.08 10.18 10.36
CA GLU C 116 -23.18 10.26 11.82
C GLU C 116 -24.22 9.28 12.34
N ALA C 117 -25.35 9.16 11.64
CA ALA C 117 -26.38 8.21 12.05
C ALA C 117 -25.87 6.77 11.96
N LEU C 118 -25.14 6.44 10.89
CA LEU C 118 -24.59 5.09 10.75
C LEU C 118 -23.58 4.80 11.85
N TYR C 119 -22.71 5.78 12.16
CA TYR C 119 -21.74 5.58 13.23
C TYR C 119 -22.43 5.38 14.57
N LEU C 120 -23.47 6.17 14.85
CA LEU C 120 -24.20 6.03 16.11
C LEU C 120 -24.91 4.69 16.19
N LEU C 121 -25.48 4.23 15.08
CA LEU C 121 -26.15 2.94 15.07
C LEU C 121 -25.16 1.79 15.29
N GLU C 122 -24.01 1.86 14.62
CA GLU C 122 -23.01 0.80 14.77
C GLU C 122 -22.35 0.84 16.15
N CYS C 123 -22.28 2.02 16.76
CA CYS C 123 -21.80 2.14 18.14
C CYS C 123 -22.85 1.70 19.14
N GLY C 124 -24.13 1.81 18.78
CA GLY C 124 -25.21 1.37 19.64
C GLY C 124 -25.93 2.46 20.41
N SER C 125 -25.76 3.72 20.05
CA SER C 125 -26.37 4.81 20.80
C SER C 125 -27.79 5.14 20.37
N ILE C 126 -28.27 4.60 19.25
CA ILE C 126 -29.62 4.87 18.78
C ILE C 126 -30.30 3.57 18.41
N HIS C 127 -31.59 3.69 18.07
CA HIS C 127 -32.49 2.57 17.80
C HIS C 127 -33.29 2.83 16.54
N LEU C 128 -32.58 3.14 15.45
CA LEU C 128 -33.20 3.66 14.23
C LEU C 128 -34.33 2.76 13.73
N PHE C 129 -35.42 3.40 13.32
CA PHE C 129 -36.57 2.77 12.69
C PHE C 129 -36.68 3.25 11.24
N HIS C 130 -37.62 2.66 10.50
CA HIS C 130 -37.87 3.09 9.12
C HIS C 130 -39.30 2.71 8.78
N GLN C 131 -40.18 3.71 8.67
CA GLN C 131 -41.60 3.49 8.41
C GLN C 131 -42.20 2.52 9.43
N ASP C 132 -41.93 2.80 10.70
CA ASP C 132 -42.38 1.99 11.83
C ASP C 132 -41.84 0.57 11.79
N LEU C 133 -40.74 0.35 11.07
CA LEU C 133 -40.14 -0.97 10.95
C LEU C 133 -38.70 -0.90 11.48
N PRO C 134 -38.33 -1.72 12.46
CA PRO C 134 -36.95 -1.68 12.97
C PRO C 134 -35.94 -2.09 11.91
N LEU C 135 -34.73 -1.57 12.04
CA LEU C 135 -33.65 -1.86 11.11
C LEU C 135 -32.55 -2.66 11.79
N SER C 136 -31.71 -3.27 10.97
CA SER C 136 -30.51 -3.98 11.42
C SER C 136 -29.28 -3.21 10.95
N ILE C 137 -28.11 -3.70 11.33
CA ILE C 137 -26.86 -3.12 10.83
C ILE C 137 -26.77 -3.33 9.32
N GLN C 138 -27.10 -4.53 8.85
CA GLN C 138 -27.37 -4.73 7.43
C GLN C 138 -28.73 -4.15 7.09
N GLU C 139 -29.08 -4.21 5.81
CA GLU C 139 -30.29 -3.56 5.25
C GLU C 139 -30.36 -2.08 5.61
N ALA C 140 -29.25 -1.53 6.12
CA ALA C 140 -29.04 -0.10 6.27
C ALA C 140 -27.72 0.34 5.69
N TYR C 141 -26.77 -0.56 5.43
CA TYR C 141 -25.65 -0.27 4.56
C TYR C 141 -26.09 -0.07 3.12
N GLN C 142 -27.27 -0.56 2.76
CA GLN C 142 -27.80 -0.45 1.41
C GLN C 142 -28.96 0.54 1.32
N LEU C 143 -29.06 1.44 2.29
CA LEU C 143 -29.99 2.57 2.28
C LEU C 143 -29.28 3.90 2.48
N LEU C 144 -28.26 3.95 3.34
CA LEU C 144 -27.52 5.17 3.59
C LEU C 144 -26.24 5.29 2.79
N LEU C 145 -25.55 4.17 2.53
CA LEU C 145 -24.30 4.18 1.77
C LEU C 145 -24.65 4.14 0.29
N THR C 146 -24.58 5.30 -0.36
CA THR C 146 -24.95 5.44 -1.76
C THR C 146 -24.17 6.61 -2.34
N ASP C 147 -24.08 6.67 -3.66
CA ASP C 147 -23.33 7.76 -4.30
C ASP C 147 -23.97 9.11 -4.05
N HIS C 148 -25.29 9.15 -3.82
CA HIS C 148 -25.94 10.41 -3.49
C HIS C 148 -25.52 10.91 -2.12
N THR C 149 -25.55 10.03 -1.12
CA THR C 149 -25.11 10.34 0.23
C THR C 149 -23.63 9.98 0.37
N VAL C 150 -23.14 9.86 1.61
CA VAL C 150 -21.74 9.52 1.82
C VAL C 150 -21.42 8.16 1.19
N THR C 151 -20.16 7.97 0.83
CA THR C 151 -19.69 6.74 0.21
C THR C 151 -19.15 5.77 1.26
N PHE C 152 -18.44 4.75 0.81
CA PHE C 152 -17.87 3.72 1.68
C PHE C 152 -16.50 4.13 2.22
N LEU C 153 -15.60 4.62 1.35
CA LEU C 153 -14.27 5.02 1.79
C LEU C 153 -14.33 6.17 2.78
N GLN C 154 -15.19 7.16 2.50
CA GLN C 154 -15.32 8.29 3.40
C GLN C 154 -15.83 7.86 4.77
N TYR C 155 -16.79 6.93 4.80
CA TYR C 155 -17.26 6.41 6.08
C TYR C 155 -16.15 5.66 6.81
N GLN C 156 -15.33 4.92 6.06
CA GLN C 156 -14.22 4.20 6.69
C GLN C 156 -13.26 5.16 7.37
N VAL C 157 -12.85 6.22 6.67
CA VAL C 157 -11.94 7.20 7.26
C VAL C 157 -12.60 7.91 8.44
N PHE C 158 -13.87 8.27 8.29
CA PHE C 158 -14.60 8.96 9.35
C PHE C 158 -14.64 8.13 10.62
N SER C 159 -15.01 6.86 10.51
CA SER C 159 -15.08 6.02 11.70
C SER C 159 -13.70 5.73 12.27
N HIS C 160 -12.67 5.61 11.42
CA HIS C 160 -11.31 5.42 11.91
C HIS C 160 -10.88 6.60 12.79
N LEU C 161 -11.17 7.83 12.34
CA LEU C 161 -10.80 8.99 13.14
C LEU C 161 -11.70 9.14 14.37
N LYS C 162 -12.98 8.74 14.26
CA LYS C 162 -13.90 8.94 15.37
C LYS C 162 -13.65 7.98 16.52
N ARG C 163 -13.15 6.78 16.23
CA ARG C 163 -12.88 5.83 17.30
C ARG C 163 -11.66 6.20 18.14
N LEU C 164 -10.86 7.17 17.71
CA LEU C 164 -9.68 7.61 18.46
C LEU C 164 -9.92 8.84 19.31
N GLY C 165 -11.13 9.39 19.31
CA GLY C 165 -11.44 10.56 20.11
C GLY C 165 -11.41 11.89 19.40
N TYR C 166 -11.22 11.90 18.09
CA TYR C 166 -11.21 13.15 17.33
C TYR C 166 -12.64 13.70 17.19
N VAL C 167 -12.72 14.99 16.92
CA VAL C 167 -13.98 15.64 16.57
C VAL C 167 -13.95 15.88 15.07
N VAL C 168 -14.78 15.14 14.33
CA VAL C 168 -14.82 15.19 12.88
C VAL C 168 -16.09 15.93 12.46
N ARG C 169 -15.93 16.93 11.59
CA ARG C 169 -17.04 17.76 11.14
C ARG C 169 -17.11 17.76 9.63
N ARG C 170 -17.92 18.64 9.06
CA ARG C 170 -18.05 18.76 7.61
C ARG C 170 -17.47 20.08 7.15
N PHE C 171 -16.79 20.06 6.01
CA PHE C 171 -16.09 21.23 5.48
C PHE C 171 -17.07 22.09 4.70
N GLN C 172 -17.41 23.26 5.25
CA GLN C 172 -18.24 24.23 4.54
C GLN C 172 -17.35 25.24 3.85
N PRO C 173 -17.43 25.40 2.53
CA PRO C 173 -16.52 26.33 1.85
C PRO C 173 -16.66 27.77 2.32
N SER C 174 -17.84 28.19 2.73
CA SER C 174 -18.05 29.54 3.22
C SER C 174 -17.89 29.60 4.74
N LEU C 213 -11.04 15.72 -6.78
CA LEU C 213 -10.84 15.58 -5.35
C LEU C 213 -11.19 16.90 -4.63
N GLU C 214 -11.79 16.78 -3.45
CA GLU C 214 -12.22 17.93 -2.68
C GLU C 214 -12.00 17.68 -1.20
N ILE C 215 -11.87 18.76 -0.44
CA ILE C 215 -11.81 18.66 1.01
C ILE C 215 -13.18 18.28 1.55
N ILE C 216 -13.22 17.29 2.44
CA ILE C 216 -14.47 16.68 2.89
C ILE C 216 -14.72 16.91 4.37
N PHE C 217 -13.69 16.82 5.20
CA PHE C 217 -13.88 16.80 6.66
C PHE C 217 -13.01 17.87 7.33
N ASP C 218 -13.44 18.25 8.52
CA ASP C 218 -12.67 19.09 9.43
C ASP C 218 -12.42 18.29 10.71
N VAL C 219 -11.17 18.25 11.16
CA VAL C 219 -10.75 17.39 12.25
C VAL C 219 -10.16 18.24 13.37
N TYR C 220 -10.62 18.00 14.60
CA TYR C 220 -10.10 18.66 15.79
C TYR C 220 -9.41 17.64 16.68
N GLN C 221 -8.40 18.09 17.41
CA GLN C 221 -7.63 17.19 18.25
C GLN C 221 -8.48 16.70 19.42
N ALA C 222 -7.95 15.69 20.13
CA ALA C 222 -8.67 15.07 21.24
C ALA C 222 -8.62 15.91 22.51
N ASP C 223 -7.79 16.96 22.56
CA ASP C 223 -7.75 17.84 23.70
C ASP C 223 -8.86 18.89 23.70
N ALA C 224 -9.52 19.09 22.56
CA ALA C 224 -10.58 20.09 22.43
C ALA C 224 -11.96 19.53 22.70
N VAL C 225 -12.08 18.24 23.02
CA VAL C 225 -13.39 17.64 23.21
C VAL C 225 -14.08 18.20 24.45
N ALA C 226 -13.31 18.45 25.51
CA ALA C 226 -13.91 18.77 26.81
C ALA C 226 -14.74 20.04 26.76
N THR C 227 -14.23 21.09 26.11
CA THR C 227 -14.89 22.38 26.09
C THR C 227 -15.26 22.81 24.67
N PHE C 228 -15.60 21.85 23.81
CA PHE C 228 -15.95 22.16 22.44
C PHE C 228 -17.28 22.90 22.37
N ARG C 229 -17.37 23.86 21.46
CA ARG C 229 -18.59 24.63 21.22
C ARG C 229 -18.97 24.50 19.76
N LYS C 230 -20.20 24.06 19.49
CA LYS C 230 -20.63 23.83 18.12
C LYS C 230 -20.83 25.13 17.36
N ASN C 231 -21.28 26.20 18.02
CA ASN C 231 -21.59 27.43 17.31
C ASN C 231 -20.32 28.17 16.90
N ASN C 232 -19.33 28.23 17.78
CA ASN C 232 -18.05 28.90 17.50
C ASN C 232 -16.92 27.94 17.82
N PRO C 233 -16.66 26.97 16.94
CA PRO C 233 -15.58 26.00 17.20
C PRO C 233 -14.19 26.62 17.11
N GLY C 234 -13.92 27.37 16.06
CA GLY C 234 -12.62 28.00 15.89
C GLY C 234 -11.83 27.50 14.71
N LYS C 235 -10.50 27.44 14.86
CA LYS C 235 -9.62 27.00 13.79
C LYS C 235 -9.33 25.51 13.92
N PRO C 236 -9.63 24.70 12.92
CA PRO C 236 -9.43 23.25 13.04
C PRO C 236 -7.95 22.88 13.06
N TYR C 237 -7.70 21.66 13.54
CA TYR C 237 -6.33 21.13 13.53
C TYR C 237 -5.85 20.89 12.10
N ALA C 238 -6.70 20.32 11.26
CA ALA C 238 -6.37 20.02 9.87
C ALA C 238 -7.67 19.75 9.13
N ARG C 239 -7.56 19.34 7.86
CA ARG C 239 -8.71 18.97 7.07
C ARG C 239 -8.25 18.00 5.98
N MET C 240 -9.10 17.03 5.66
CA MET C 240 -8.69 15.83 4.93
C MET C 240 -9.44 15.69 3.61
N CYS C 241 -8.77 15.02 2.66
CA CYS C 241 -9.39 14.60 1.41
C CYS C 241 -9.12 13.10 1.23
N ILE C 242 -10.19 12.32 1.16
CA ILE C 242 -10.10 10.86 1.13
C ILE C 242 -9.95 10.39 -0.32
N SER C 243 -8.98 9.51 -0.55
CA SER C 243 -8.69 9.01 -1.89
C SER C 243 -8.40 7.52 -1.83
N GLY C 244 -8.56 6.86 -2.98
CA GLY C 244 -8.17 5.48 -3.12
C GLY C 244 -6.67 5.33 -3.30
N PHE C 245 -6.20 4.09 -3.16
CA PHE C 245 -4.77 3.84 -3.16
C PHE C 245 -4.20 3.60 -4.54
N ASP C 246 -5.02 3.13 -5.49
CA ASP C 246 -4.55 2.82 -6.84
C ASP C 246 -4.90 3.91 -7.84
N GLU C 247 -4.90 5.17 -7.42
CA GLU C 247 -5.25 6.29 -8.27
C GLU C 247 -4.08 7.24 -8.42
N PRO C 248 -3.97 7.96 -9.53
CA PRO C 248 -2.76 8.74 -9.81
C PRO C 248 -2.53 9.86 -8.80
N VAL C 249 -1.26 10.14 -8.56
CA VAL C 249 -0.86 11.24 -7.67
C VAL C 249 -1.26 12.57 -8.32
N PRO C 250 -1.84 13.50 -7.58
CA PRO C 250 -2.22 14.79 -8.19
C PRO C 250 -1.00 15.57 -8.64
N ASP C 251 -1.19 16.35 -9.71
CA ASP C 251 -0.11 17.15 -10.26
C ASP C 251 0.11 18.40 -9.39
N LEU C 252 0.99 19.29 -9.84
CA LEU C 252 1.30 20.47 -9.04
C LEU C 252 0.13 21.44 -8.97
N CYS C 253 -0.60 21.59 -10.06
CA CYS C 253 -1.72 22.56 -10.08
C CYS C 253 -2.82 22.16 -9.11
N SER C 254 -3.18 20.87 -9.10
CA SER C 254 -4.23 20.42 -8.19
C SER C 254 -3.82 20.61 -6.73
N LEU C 255 -2.58 20.29 -6.40
CA LEU C 255 -2.10 20.48 -5.04
C LEU C 255 -2.09 21.97 -4.66
N LYS C 256 -1.70 22.83 -5.60
CA LYS C 256 -1.72 24.26 -5.33
C LYS C 256 -3.13 24.76 -5.06
N ARG C 257 -4.10 24.33 -5.89
CA ARG C 257 -5.48 24.74 -5.69
C ARG C 257 -6.03 24.22 -4.36
N LEU C 258 -5.70 22.97 -4.02
CA LEU C 258 -6.16 22.42 -2.75
C LEU C 258 -5.55 23.17 -1.57
N SER C 259 -4.27 23.52 -1.66
CA SER C 259 -3.63 24.28 -0.59
C SER C 259 -4.28 25.65 -0.44
N TYR C 260 -4.58 26.31 -1.56
CA TYR C 260 -5.26 27.61 -1.49
C TYR C 260 -6.63 27.49 -0.86
N GLN C 261 -7.39 26.47 -1.25
CA GLN C 261 -8.75 26.31 -0.73
C GLN C 261 -8.75 25.93 0.74
N SER C 262 -7.78 25.13 1.19
CA SER C 262 -7.73 24.73 2.60
C SER C 262 -7.53 25.93 3.51
N GLY C 263 -6.61 26.83 3.14
CA GLY C 263 -6.38 28.03 3.93
C GLY C 263 -5.06 28.06 4.66
N ASP C 264 -5.10 28.27 5.98
CA ASP C 264 -3.91 28.35 6.81
C ASP C 264 -3.67 27.08 7.62
N VAL C 265 -4.39 26.01 7.33
CA VAL C 265 -4.31 24.78 8.10
C VAL C 265 -3.62 23.70 7.27
N PRO C 266 -3.03 22.68 7.89
CA PRO C 266 -2.40 21.60 7.12
C PRO C 266 -3.42 20.81 6.32
N LEU C 267 -2.92 20.17 5.26
CA LEU C 267 -3.71 19.29 4.41
C LEU C 267 -3.13 17.88 4.49
N ILE C 268 -4.00 16.89 4.71
CA ILE C 268 -3.60 15.50 4.90
C ILE C 268 -4.32 14.65 3.86
N PHE C 269 -3.57 13.71 3.27
CA PHE C 269 -4.10 12.82 2.24
C PHE C 269 -4.32 11.44 2.84
N ALA C 270 -5.55 10.93 2.74
CA ALA C 270 -5.92 9.64 3.30
C ALA C 270 -6.10 8.64 2.17
N LEU C 271 -5.33 7.55 2.21
CA LEU C 271 -5.36 6.51 1.20
C LEU C 271 -5.94 5.24 1.79
N VAL C 272 -6.91 4.65 1.10
CA VAL C 272 -7.59 3.44 1.56
C VAL C 272 -7.26 2.33 0.56
N ASP C 273 -6.69 1.24 1.05
CA ASP C 273 -6.24 0.12 0.22
C ASP C 273 -6.89 -1.16 0.73
N HIS C 274 -8.11 -1.42 0.27
CA HIS C 274 -8.87 -2.61 0.63
C HIS C 274 -8.95 -2.79 2.14
N GLY C 275 -9.23 -1.69 2.84
CA GLY C 275 -9.40 -1.71 4.28
C GLY C 275 -8.22 -1.22 5.09
N ASP C 276 -7.15 -0.77 4.45
CA ASP C 276 -5.96 -0.26 5.13
C ASP C 276 -5.84 1.23 4.85
N ILE C 277 -5.65 2.02 5.92
CA ILE C 277 -5.62 3.47 5.83
C ILE C 277 -4.24 3.97 6.25
N SER C 278 -3.66 4.83 5.43
CA SER C 278 -2.42 5.52 5.75
C SER C 278 -2.56 6.98 5.36
N PHE C 279 -1.89 7.85 6.11
CA PHE C 279 -1.99 9.29 5.91
C PHE C 279 -0.62 9.87 5.57
N TYR C 280 -0.60 10.80 4.61
CA TYR C 280 0.59 11.52 4.22
C TYR C 280 0.29 13.01 4.17
N SER C 281 1.23 13.82 4.64
CA SER C 281 1.06 15.26 4.69
C SER C 281 2.00 15.93 3.71
N PHE C 282 1.47 16.88 2.93
CA PHE C 282 2.22 17.59 1.91
C PHE C 282 2.45 19.03 2.36
N ARG C 283 3.67 19.34 2.74
CA ARG C 283 4.04 20.68 3.21
C ARG C 283 4.88 21.38 2.15
N ASP C 284 4.80 22.71 2.14
CA ASP C 284 5.52 23.52 1.18
C ASP C 284 6.53 24.42 1.88
N PHE C 285 7.44 24.98 1.10
CA PHE C 285 8.40 25.99 1.56
C PHE C 285 9.28 25.46 2.69
N THR C 286 10.11 24.48 2.34
CA THR C 286 11.06 23.94 3.31
C THR C 286 12.02 25.02 3.79
N LEU C 287 12.54 25.82 2.87
CA LEU C 287 13.48 26.89 3.22
C LEU C 287 12.99 28.24 2.71
N ASP D 102 29.04 2.46 -27.98
CA ASP D 102 29.13 3.48 -26.94
C ASP D 102 30.25 3.17 -25.96
N ALA D 103 30.89 4.22 -25.44
CA ALA D 103 31.98 4.04 -24.47
C ALA D 103 31.47 3.80 -23.06
N THR D 104 30.18 4.00 -22.81
CA THR D 104 29.66 3.81 -21.45
C THR D 104 29.83 2.36 -21.00
N GLN D 105 29.50 1.41 -21.87
CA GLN D 105 29.57 -0.01 -21.47
C GLN D 105 31.00 -0.42 -21.17
N VAL D 106 31.95 -0.04 -22.02
CA VAL D 106 33.34 -0.43 -21.80
C VAL D 106 33.91 0.29 -20.57
N TYR D 107 33.54 1.55 -20.36
CA TYR D 107 34.00 2.27 -19.18
C TYR D 107 33.50 1.62 -17.90
N VAL D 108 32.20 1.26 -17.87
CA VAL D 108 31.64 0.62 -16.68
C VAL D 108 32.25 -0.76 -16.49
N ALA D 109 32.50 -1.49 -17.58
CA ALA D 109 33.14 -2.80 -17.47
C ALA D 109 34.54 -2.67 -16.89
N PHE D 110 35.30 -1.67 -17.33
CA PHE D 110 36.64 -1.46 -16.78
C PHE D 110 36.56 -1.09 -15.30
N LEU D 111 35.60 -0.26 -14.92
CA LEU D 111 35.44 0.09 -13.52
C LEU D 111 35.12 -1.14 -12.67
N VAL D 112 34.21 -1.99 -13.16
CA VAL D 112 33.85 -3.20 -12.43
C VAL D 112 35.04 -4.14 -12.34
N TYR D 113 35.82 -4.26 -13.42
CA TYR D 113 37.01 -5.10 -13.41
C TYR D 113 38.03 -4.59 -12.39
N LEU D 114 38.26 -3.28 -12.34
CA LEU D 114 39.17 -2.72 -11.35
C LEU D 114 38.67 -2.97 -9.94
N ASP D 115 37.37 -2.80 -9.71
CA ASP D 115 36.83 -3.05 -8.38
C ASP D 115 37.02 -4.51 -7.97
N LEU D 116 36.71 -5.43 -8.88
CA LEU D 116 36.82 -6.85 -8.57
C LEU D 116 38.27 -7.28 -8.37
N MET D 117 39.21 -6.65 -9.07
CA MET D 117 40.62 -6.98 -8.86
C MET D 117 41.13 -6.41 -7.54
N GLU D 118 41.11 -5.09 -7.40
CA GLU D 118 41.74 -4.46 -6.24
C GLU D 118 40.98 -4.73 -4.95
N SER D 119 39.66 -4.56 -4.96
CA SER D 119 38.90 -4.65 -3.71
C SER D 119 38.49 -6.09 -3.41
N LYS D 120 37.74 -6.72 -4.30
CA LYS D 120 37.23 -8.06 -4.04
C LYS D 120 38.27 -9.16 -4.25
N SER D 121 39.37 -8.84 -4.94
CA SER D 121 40.50 -9.77 -5.13
C SER D 121 40.06 -11.06 -5.81
N TRP D 122 39.60 -10.92 -7.05
CA TRP D 122 39.27 -12.06 -7.89
C TRP D 122 40.43 -12.38 -8.83
N HIS D 123 40.37 -13.56 -9.44
CA HIS D 123 41.44 -14.07 -10.27
C HIS D 123 40.87 -14.58 -11.60
N GLU D 124 41.64 -14.40 -12.67
CA GLU D 124 41.33 -14.95 -13.99
C GLU D 124 39.98 -14.46 -14.51
N VAL D 125 39.65 -13.21 -14.20
CA VAL D 125 38.44 -12.60 -14.74
C VAL D 125 38.68 -12.23 -16.20
N ASN D 126 37.77 -12.65 -17.07
CA ASN D 126 37.92 -12.47 -18.50
C ASN D 126 36.69 -11.78 -19.07
N CYS D 127 36.90 -11.01 -20.14
CA CYS D 127 35.83 -10.29 -20.80
C CYS D 127 35.44 -11.02 -22.08
N VAL D 128 34.18 -11.45 -22.16
CA VAL D 128 33.64 -12.15 -23.32
C VAL D 128 32.53 -11.30 -23.92
N GLY D 129 32.56 -11.15 -25.24
CA GLY D 129 31.59 -10.31 -25.91
C GLY D 129 30.43 -11.10 -26.48
N LEU D 130 29.25 -10.48 -26.45
CA LEU D 130 28.02 -11.05 -27.01
C LEU D 130 27.40 -10.01 -27.94
N PRO D 131 27.90 -9.90 -29.17
CA PRO D 131 27.41 -8.88 -30.11
C PRO D 131 26.06 -9.21 -30.75
N GLU D 132 25.12 -9.66 -29.93
CA GLU D 132 23.75 -9.91 -30.38
C GLU D 132 22.77 -9.22 -29.45
N LEU D 133 23.16 -9.08 -28.17
CA LEU D 133 22.34 -8.40 -27.18
C LEU D 133 22.96 -7.10 -26.69
N GLN D 134 24.10 -6.69 -27.26
CA GLN D 134 24.79 -5.47 -26.86
C GLN D 134 25.12 -5.47 -25.37
N LEU D 135 25.63 -6.61 -24.89
CA LEU D 135 25.97 -6.78 -23.49
C LEU D 135 27.37 -7.38 -23.37
N ILE D 136 28.01 -7.12 -22.23
CA ILE D 136 29.35 -7.62 -21.93
C ILE D 136 29.27 -8.43 -20.65
N CYS D 137 29.82 -9.65 -20.69
CA CYS D 137 29.79 -10.56 -19.55
C CYS D 137 31.20 -10.71 -18.99
N LEU D 138 31.35 -10.46 -17.70
CA LEU D 138 32.64 -10.59 -17.02
C LEU D 138 32.72 -11.96 -16.34
N VAL D 139 32.86 -12.98 -17.18
CA VAL D 139 32.87 -14.36 -16.70
C VAL D 139 34.21 -14.64 -16.02
N GLY D 140 34.23 -14.58 -14.69
CA GLY D 140 35.45 -14.78 -13.95
C GLY D 140 35.42 -15.98 -13.04
N THR D 141 36.43 -16.11 -12.19
CA THR D 141 36.54 -17.22 -11.24
C THR D 141 36.96 -16.66 -9.89
N GLU D 142 36.01 -16.55 -8.96
CA GLU D 142 36.29 -15.94 -7.66
C GLU D 142 37.34 -16.74 -6.88
N ILE D 143 37.22 -18.07 -6.87
CA ILE D 143 38.13 -18.94 -6.16
C ILE D 143 38.62 -20.01 -7.13
N GLU D 144 39.92 -20.27 -7.12
CA GLU D 144 40.50 -21.27 -8.00
C GLU D 144 39.87 -22.63 -7.75
N GLY D 145 39.54 -23.33 -8.83
CA GLY D 145 38.89 -24.62 -8.73
C GLY D 145 37.49 -24.57 -8.17
N GLU D 146 36.69 -23.57 -8.56
CA GLU D 146 35.33 -23.43 -8.09
C GLU D 146 34.44 -23.07 -9.28
N GLY D 147 33.17 -22.78 -8.98
CA GLY D 147 32.21 -22.48 -10.03
C GLY D 147 32.46 -21.13 -10.66
N LEU D 148 31.85 -20.94 -11.83
CA LEU D 148 31.97 -19.70 -12.59
C LEU D 148 30.83 -18.75 -12.23
N GLN D 149 31.01 -17.49 -12.61
CA GLN D 149 30.02 -16.45 -12.38
C GLN D 149 29.98 -15.52 -13.58
N THR D 150 28.83 -14.87 -13.76
CA THR D 150 28.64 -13.91 -14.84
C THR D 150 28.13 -12.60 -14.26
N VAL D 151 28.79 -11.49 -14.62
CA VAL D 151 28.44 -10.18 -14.12
C VAL D 151 28.10 -9.29 -15.31
N VAL D 152 26.97 -8.60 -15.23
CA VAL D 152 26.51 -7.71 -16.28
C VAL D 152 26.44 -6.29 -15.72
N PRO D 153 27.48 -5.49 -15.92
CA PRO D 153 27.45 -4.10 -15.46
C PRO D 153 26.39 -3.29 -16.19
N THR D 154 25.81 -2.33 -15.47
CA THR D 154 24.74 -1.50 -16.04
C THR D 154 24.67 -0.16 -15.34
N PRO D 155 24.71 0.95 -16.08
CA PRO D 155 24.51 2.27 -15.46
C PRO D 155 23.05 2.51 -15.09
N ILE D 156 22.86 3.47 -14.19
CA ILE D 156 21.53 3.79 -13.69
C ILE D 156 20.64 4.45 -14.73
N THR D 157 21.20 4.89 -15.85
CA THR D 157 20.39 5.54 -16.89
C THR D 157 19.52 4.53 -17.62
N ALA D 158 19.99 3.30 -17.79
CA ALA D 158 19.28 2.31 -18.57
C ALA D 158 18.04 1.80 -17.82
N SER D 159 17.15 1.15 -18.57
CA SER D 159 15.96 0.52 -18.02
C SER D 159 15.83 -0.89 -18.59
N LEU D 160 15.24 -1.78 -17.79
CA LEU D 160 15.12 -3.19 -18.14
C LEU D 160 13.66 -3.60 -18.17
N SER D 161 13.30 -4.38 -19.17
CA SER D 161 12.00 -5.03 -19.23
C SER D 161 12.11 -6.43 -18.61
N HIS D 162 11.08 -7.25 -18.78
CA HIS D 162 11.12 -8.63 -18.31
C HIS D 162 11.61 -9.61 -19.37
N ASN D 163 11.27 -9.36 -20.64
CA ASN D 163 11.78 -10.18 -21.73
C ASN D 163 13.29 -10.12 -21.81
N ARG D 164 13.86 -8.92 -21.61
CA ARG D 164 15.31 -8.78 -21.63
C ARG D 164 15.94 -9.59 -20.49
N ILE D 165 15.30 -9.59 -19.31
CA ILE D 165 15.82 -10.37 -18.20
C ILE D 165 15.80 -11.86 -18.54
N ARG D 166 14.69 -12.35 -19.10
CA ARG D 166 14.62 -13.76 -19.47
C ARG D 166 15.69 -14.11 -20.51
N GLU D 167 15.89 -13.24 -21.49
CA GLU D 167 16.90 -13.50 -22.51
C GLU D 167 18.30 -13.52 -21.90
N ILE D 168 18.57 -12.64 -20.93
CA ILE D 168 19.88 -12.62 -20.30
C ILE D 168 20.11 -13.90 -19.49
N LEU D 169 19.09 -14.36 -18.76
CA LEU D 169 19.23 -15.64 -18.07
C LEU D 169 19.49 -16.79 -19.04
N LYS D 170 18.78 -16.82 -20.16
CA LYS D 170 19.01 -17.89 -21.12
C LYS D 170 20.41 -17.84 -21.70
N ALA D 171 20.90 -16.64 -22.04
CA ALA D 171 22.26 -16.50 -22.54
C ALA D 171 23.28 -16.92 -21.50
N SER D 172 23.07 -16.55 -20.24
CA SER D 172 24.00 -16.94 -19.19
C SER D 172 24.03 -18.45 -19.01
N ARG D 173 22.86 -19.10 -19.07
CA ARG D 173 22.83 -20.56 -18.99
C ARG D 173 23.56 -21.20 -20.16
N LYS D 174 23.39 -20.64 -21.36
CA LYS D 174 24.10 -21.16 -22.53
C LYS D 174 25.61 -21.03 -22.37
N LEU D 175 26.06 -19.88 -21.88
CA LEU D 175 27.50 -19.67 -21.67
C LEU D 175 28.04 -20.62 -20.61
N GLN D 176 27.34 -20.78 -19.48
CA GLN D 176 27.80 -21.67 -18.43
C GLN D 176 27.82 -23.12 -18.90
N GLY D 177 26.77 -23.55 -19.61
CA GLY D 177 26.70 -24.90 -20.12
C GLY D 177 26.63 -25.96 -19.04
N ASP D 178 25.95 -25.66 -17.93
CA ASP D 178 25.82 -26.59 -16.81
C ASP D 178 24.34 -26.69 -16.44
N PRO D 179 23.59 -27.56 -17.11
CA PRO D 179 22.16 -27.68 -16.81
C PRO D 179 21.88 -28.45 -15.52
N ASP D 180 22.53 -28.05 -14.44
CA ASP D 180 22.32 -28.65 -13.13
C ASP D 180 21.82 -27.67 -12.09
N LEU D 181 21.92 -26.37 -12.34
CA LEU D 181 21.48 -25.32 -11.43
C LEU D 181 20.59 -24.33 -12.18
N PRO D 182 19.68 -23.66 -11.48
CA PRO D 182 18.81 -22.68 -12.14
C PRO D 182 19.61 -21.51 -12.68
N MET D 183 19.06 -20.88 -13.71
CA MET D 183 19.72 -19.74 -14.34
C MET D 183 19.87 -18.60 -13.35
N SER D 184 21.03 -17.94 -13.37
CA SER D 184 21.31 -16.87 -12.43
C SER D 184 22.45 -16.00 -12.96
N PHE D 185 22.42 -14.72 -12.59
CA PHE D 185 23.49 -13.79 -12.90
C PHE D 185 23.37 -12.61 -11.95
N THR D 186 24.42 -11.79 -11.93
CA THR D 186 24.48 -10.62 -11.05
C THR D 186 24.50 -9.35 -11.89
N LEU D 187 23.97 -8.28 -11.30
CA LEU D 187 23.90 -6.97 -11.94
C LEU D 187 24.69 -5.97 -11.13
N ALA D 188 25.53 -5.19 -11.80
CA ALA D 188 26.37 -4.18 -11.16
C ALA D 188 25.96 -2.80 -11.65
N ILE D 189 25.72 -1.89 -10.70
CA ILE D 189 25.30 -0.53 -11.00
C ILE D 189 26.37 0.42 -10.47
N VAL D 190 26.84 1.32 -11.34
CA VAL D 190 27.95 2.21 -11.00
C VAL D 190 27.50 3.66 -11.17
N GLU D 191 28.29 4.55 -10.59
CA GLU D 191 28.06 5.99 -10.72
C GLU D 191 29.35 6.70 -11.13
N SER D 192 29.33 8.03 -11.14
CA SER D 192 30.49 8.80 -11.58
C SER D 192 31.65 8.74 -10.59
N ASP D 193 31.39 8.41 -9.33
CA ASP D 193 32.41 8.38 -8.30
C ASP D 193 32.78 6.95 -7.89
N SER D 194 32.55 5.99 -8.78
CA SER D 194 32.92 4.59 -8.57
C SER D 194 32.26 4.01 -7.31
N THR D 195 30.93 3.97 -7.34
CA THR D 195 30.13 3.32 -6.31
C THR D 195 29.34 2.19 -6.97
N ILE D 196 29.55 0.96 -6.51
CA ILE D 196 29.01 -0.22 -7.15
C ILE D 196 28.16 -0.99 -6.14
N VAL D 197 26.97 -1.40 -6.58
CA VAL D 197 26.03 -2.18 -5.78
C VAL D 197 25.66 -3.44 -6.55
N TYR D 198 25.66 -4.58 -5.87
CA TYR D 198 25.44 -5.87 -6.50
C TYR D 198 24.10 -6.46 -6.11
N TYR D 199 23.33 -6.88 -7.10
CA TYR D 199 22.08 -7.61 -6.90
C TYR D 199 22.08 -8.85 -7.77
N LYS D 200 21.57 -9.96 -7.23
CA LYS D 200 21.59 -11.26 -7.89
C LYS D 200 20.19 -11.64 -8.33
N LEU D 201 20.05 -12.02 -9.60
CA LEU D 201 18.77 -12.41 -10.18
C LEU D 201 18.79 -13.88 -10.54
N THR D 202 17.78 -14.63 -10.07
CA THR D 202 17.69 -16.05 -10.37
C THR D 202 16.34 -16.41 -10.97
N ASP D 203 16.06 -17.70 -11.11
CA ASP D 203 14.85 -18.20 -11.71
C ASP D 203 14.07 -19.04 -10.71
N GLY D 204 12.75 -18.99 -10.79
CA GLY D 204 11.91 -19.65 -9.81
C GLY D 204 11.80 -18.83 -8.54
N PHE D 205 11.31 -19.47 -7.48
CA PHE D 205 11.19 -18.77 -6.20
C PHE D 205 12.43 -19.02 -5.34
N MET D 206 12.54 -20.23 -4.79
CA MET D 206 13.74 -20.77 -4.15
C MET D 206 14.50 -19.76 -3.30
N LEU D 207 13.81 -18.80 -2.69
CA LEU D 207 14.51 -17.70 -2.03
C LEU D 207 13.63 -16.99 -1.01
N PRO D 208 13.53 -17.49 0.22
CA PRO D 208 12.80 -16.78 1.27
C PRO D 208 13.63 -15.75 2.03
N ASP D 209 14.91 -15.64 1.73
CA ASP D 209 15.81 -14.70 2.38
C ASP D 209 15.67 -13.30 1.77
N PRO D 210 16.10 -12.26 2.50
CA PRO D 210 16.11 -10.86 2.04
C PRO D 210 16.60 -10.66 0.61
#